data_6E8N
#
_entry.id   6E8N
#
_cell.length_a   102.107
_cell.length_b   136.399
_cell.length_c   75.908
_cell.angle_alpha   90.00
_cell.angle_beta   90.00
_cell.angle_gamma   90.00
#
_symmetry.space_group_name_H-M   'C 2 2 21'
#
loop_
_entity.id
_entity.type
_entity.pdbx_description
1 polymer 'Mammalian ependymin-related protein 1'
2 non-polymer 'NONAETHYLENE GLYCOL'
#
_entity_poly.entity_id   1
_entity_poly.type   'polypeptide(L)'
_entity_poly.pdbx_seq_one_letter_code
;SAPRPCQAPQQWEGRQVMYQQSSGRNSRALLSYDGLNQRVRVLDERKALIPCKRLFEYILLYKDGVMFQIDQATKQCSKM
TLTQPWDPLDIPQNSTFEDQYSIGGPQEQITVQEWSDRKSARSYETWIGIYTVKDCYPVQETFTINYSVILSTRFFDIQL
GIKDPSVFTPPSTCQMAQLEKMSEDCSWHHHHHH
;
_entity_poly.pdbx_strand_id   A,B
#
loop_
_chem_comp.id
_chem_comp.type
_chem_comp.name
_chem_comp.formula
2PE non-polymer 'NONAETHYLENE GLYCOL' 'C18 H38 O10'
#
# COMPACT_ATOMS: atom_id res chain seq x y z
N ALA A 2 7.44 -25.09 8.75
CA ALA A 2 6.53 -23.97 8.48
C ALA A 2 6.92 -22.70 9.25
N PRO A 3 6.70 -21.51 8.65
CA PRO A 3 7.10 -20.26 9.32
C PRO A 3 6.35 -20.02 10.61
N ARG A 4 7.08 -19.59 11.63
CA ARG A 4 6.49 -19.26 12.91
C ARG A 4 6.41 -17.74 13.05
N PRO A 5 5.34 -17.16 13.64
CA PRO A 5 5.20 -15.70 13.62
C PRO A 5 6.14 -15.05 14.62
N CYS A 6 6.83 -13.99 14.19
CA CYS A 6 7.74 -13.27 15.09
C CYS A 6 6.94 -12.38 16.04
N GLN A 7 7.64 -11.62 16.86
CA GLN A 7 7.01 -10.79 17.86
C GLN A 7 7.23 -9.33 17.54
N ALA A 8 6.15 -8.61 17.26
CA ALA A 8 6.23 -7.21 16.91
C ALA A 8 6.66 -6.40 18.13
N PRO A 9 7.38 -5.30 17.92
CA PRO A 9 7.60 -4.35 19.02
C PRO A 9 6.28 -3.77 19.47
N GLN A 10 6.12 -3.59 20.78
CA GLN A 10 4.84 -3.12 21.28
C GLN A 10 4.93 -1.72 21.83
N GLN A 11 5.99 -0.99 21.50
CA GLN A 11 6.06 0.43 21.81
C GLN A 11 6.92 1.10 20.76
N TRP A 12 6.30 1.92 19.91
CA TRP A 12 7.10 2.68 18.96
C TRP A 12 6.29 3.86 18.44
N GLU A 13 7.00 4.83 17.89
CA GLU A 13 6.41 6.00 17.29
C GLU A 13 6.98 6.13 15.88
N GLY A 14 6.21 6.73 14.99
CA GLY A 14 6.64 6.88 13.62
C GLY A 14 5.54 7.59 12.86
N ARG A 15 5.44 7.35 11.54
CA ARG A 15 4.48 8.01 10.68
C ARG A 15 3.65 7.00 9.91
N GLN A 16 2.41 7.40 9.61
CA GLN A 16 1.48 6.52 8.91
C GLN A 16 0.88 7.24 7.69
N VAL A 17 0.52 6.42 6.72
CA VAL A 17 -0.29 6.81 5.58
C VAL A 17 -1.48 5.88 5.57
N MET A 18 -2.68 6.42 5.80
CA MET A 18 -3.87 5.61 5.95
C MET A 18 -4.80 5.83 4.77
N TYR A 19 -5.10 4.77 4.03
CA TYR A 19 -6.08 4.78 2.95
C TYR A 19 -7.42 4.29 3.51
N GLN A 20 -8.48 5.00 3.16
CA GLN A 20 -9.83 4.60 3.52
C GLN A 20 -10.70 4.57 2.28
N GLN A 21 -11.44 3.47 2.11
CA GLN A 21 -12.25 3.31 0.92
C GLN A 21 -13.50 4.15 1.02
N SER A 22 -14.01 4.32 2.24
CA SER A 22 -15.16 5.19 2.45
C SER A 22 -14.90 6.57 1.85
N SER A 23 -13.73 7.14 2.15
CA SER A 23 -13.32 8.39 1.53
C SER A 23 -12.69 8.18 0.16
N GLY A 24 -12.07 7.02 -0.03
CA GLY A 24 -11.22 6.80 -1.19
C GLY A 24 -9.90 7.56 -1.16
N ARG A 25 -9.41 7.94 0.02
CA ARG A 25 -8.27 8.87 0.09
C ARG A 25 -7.18 8.38 1.04
N ASN A 26 -6.00 9.02 0.91
CA ASN A 26 -4.85 8.82 1.77
C ASN A 26 -4.66 10.00 2.73
N SER A 27 -4.41 9.70 4.01
CA SER A 27 -4.15 10.74 5.01
C SER A 27 -2.85 10.42 5.73
N ARG A 28 -1.96 11.39 5.76
CA ARG A 28 -0.72 11.26 6.49
C ARG A 28 -0.87 11.74 7.94
N ALA A 29 -0.13 11.09 8.84
CA ALA A 29 -0.17 11.48 10.25
C ALA A 29 1.05 10.93 10.99
N LEU A 30 1.36 11.57 12.11
CA LEU A 30 2.25 11.00 13.11
C LEU A 30 1.49 9.99 13.97
N LEU A 31 2.21 8.98 14.45
CA LEU A 31 1.60 7.87 15.20
C LEU A 31 2.49 7.43 16.34
N SER A 32 2.03 7.60 17.56
CA SER A 32 2.63 6.95 18.70
C SER A 32 1.78 5.73 19.02
N TYR A 33 2.41 4.56 19.15
CA TYR A 33 1.73 3.29 19.36
C TYR A 33 2.24 2.66 20.65
N ASP A 34 1.37 2.52 21.66
CA ASP A 34 1.74 1.97 22.97
C ASP A 34 0.80 0.80 23.24
N GLY A 35 1.14 -0.39 22.74
CA GLY A 35 0.34 -1.59 22.98
C GLY A 35 0.52 -2.18 24.34
N LEU A 36 1.59 -1.79 25.03
CA LEU A 36 1.73 -2.17 26.42
C LEU A 36 0.68 -1.48 27.28
N ASN A 37 0.32 -0.24 26.95
CA ASN A 37 -0.75 0.45 27.66
C ASN A 37 -2.05 0.51 26.88
N GLN A 38 -2.18 -0.27 25.79
CA GLN A 38 -3.43 -0.35 25.00
C GLN A 38 -3.92 1.03 24.57
N ARG A 39 -3.02 1.86 24.08
CA ARG A 39 -3.41 3.22 23.75
C ARG A 39 -2.58 3.70 22.56
N VAL A 40 -3.18 4.59 21.79
CA VAL A 40 -2.57 5.02 20.53
C VAL A 40 -2.95 6.48 20.26
N ARG A 41 -1.96 7.27 19.86
CA ARG A 41 -2.17 8.67 19.52
C ARG A 41 -1.72 8.94 18.09
N VAL A 42 -2.44 9.82 17.40
CA VAL A 42 -2.16 10.11 16.00
C VAL A 42 -2.42 11.59 15.74
N LEU A 43 -1.51 12.20 14.97
CA LEU A 43 -1.53 13.64 14.72
C LEU A 43 -1.47 13.93 13.23
N ASP A 44 -2.58 14.42 12.68
CA ASP A 44 -2.69 14.64 11.24
C ASP A 44 -1.58 15.54 10.72
N GLU A 45 -1.14 15.23 9.51
CA GLU A 45 -0.27 16.06 8.72
C GLU A 45 -1.01 16.40 7.44
N ARG A 46 -0.78 17.60 6.93
CA ARG A 46 -1.30 17.94 5.61
C ARG A 46 -0.24 17.73 4.56
N LYS A 47 -0.66 17.15 3.43
CA LYS A 47 0.20 16.90 2.27
C LYS A 47 0.74 18.22 1.75
N ALA A 48 -0.10 18.93 0.99
CA ALA A 48 0.13 20.30 0.58
C ALA A 48 -1.03 21.14 1.10
N LEU A 49 -1.04 22.43 0.74
CA LEU A 49 -2.10 23.35 1.14
C LEU A 49 -3.35 23.26 0.24
N ILE A 50 -3.54 22.12 -0.44
CA ILE A 50 -4.58 21.92 -1.46
C ILE A 50 -5.91 21.46 -0.86
N PRO A 51 -5.98 20.68 0.26
CA PRO A 51 -7.31 20.18 0.68
C PRO A 51 -8.05 20.95 1.79
N CYS A 52 -7.34 21.79 2.56
CA CYS A 52 -7.87 22.44 3.77
C CYS A 52 -8.64 21.46 4.66
N LYS A 53 -8.04 20.28 4.86
CA LYS A 53 -8.76 19.18 5.47
C LYS A 53 -9.08 19.43 6.94
N ARG A 54 -8.53 20.49 7.55
CA ARG A 54 -8.57 20.72 8.99
C ARG A 54 -7.85 19.60 9.74
N LEU A 55 -6.70 19.91 10.36
CA LEU A 55 -5.92 18.90 11.07
C LEU A 55 -6.58 18.50 12.37
N PHE A 56 -6.36 17.26 12.78
CA PHE A 56 -6.84 16.81 14.06
C PHE A 56 -5.75 16.07 14.80
N GLU A 57 -6.03 15.79 16.07
CA GLU A 57 -5.20 14.91 16.88
C GLU A 57 -6.18 13.98 17.59
N TYR A 58 -5.99 12.69 17.41
CA TYR A 58 -6.84 11.72 18.06
C TYR A 58 -6.03 10.97 19.09
N ILE A 59 -6.59 10.84 20.30
CA ILE A 59 -5.99 10.07 21.38
C ILE A 59 -6.96 8.97 21.76
N LEU A 60 -6.50 7.73 21.73
CA LEU A 60 -7.31 6.55 21.98
C LEU A 60 -6.82 5.85 23.25
N LEU A 61 -7.63 5.88 24.31
CA LEU A 61 -7.32 5.16 25.55
C LEU A 61 -8.31 4.01 25.63
N TYR A 62 -7.85 2.79 25.29
CA TYR A 62 -8.74 1.64 25.27
C TYR A 62 -8.90 1.01 26.65
N LYS A 63 -7.98 1.28 27.57
CA LYS A 63 -8.17 0.86 28.95
C LYS A 63 -9.38 1.55 29.56
N ASP A 64 -9.48 2.88 29.37
CA ASP A 64 -10.62 3.68 29.81
C ASP A 64 -11.81 3.66 28.87
N GLY A 65 -11.68 3.04 27.70
CA GLY A 65 -12.79 2.91 26.76
C GLY A 65 -13.28 4.20 26.13
N VAL A 66 -12.36 5.10 25.75
CA VAL A 66 -12.71 6.44 25.30
C VAL A 66 -11.72 6.91 24.25
N MET A 67 -12.16 7.86 23.42
CA MET A 67 -11.23 8.51 22.52
C MET A 67 -11.61 9.99 22.35
N PHE A 68 -10.59 10.82 22.17
CA PHE A 68 -10.78 12.25 22.03
C PHE A 68 -10.28 12.70 20.66
N GLN A 69 -11.08 13.56 20.03
CA GLN A 69 -10.73 14.20 18.77
C GLN A 69 -10.54 15.68 19.03
N ILE A 70 -9.36 16.22 18.73
CA ILE A 70 -8.94 17.55 19.15
C ILE A 70 -8.56 18.38 17.92
N ASP A 71 -9.22 19.53 17.74
CA ASP A 71 -8.75 20.46 16.71
C ASP A 71 -7.33 20.92 17.00
N GLN A 72 -6.48 20.89 15.98
CA GLN A 72 -5.11 21.29 16.24
C GLN A 72 -5.02 22.80 16.37
N ALA A 73 -5.94 23.54 15.77
CA ALA A 73 -5.90 24.99 15.91
C ALA A 73 -6.54 25.44 17.22
N THR A 74 -7.87 25.36 17.32
CA THR A 74 -8.59 25.85 18.48
C THR A 74 -8.47 24.93 19.70
N LYS A 75 -8.02 23.69 19.54
CA LYS A 75 -7.91 22.71 20.61
C LYS A 75 -9.27 22.28 21.19
N GLN A 76 -10.37 22.52 20.49
CA GLN A 76 -11.68 22.06 20.97
C GLN A 76 -11.75 20.53 20.89
N CYS A 77 -12.45 19.91 21.85
CA CYS A 77 -12.36 18.48 22.06
C CYS A 77 -13.71 17.76 21.88
N SER A 78 -13.64 16.50 21.44
CA SER A 78 -14.80 15.62 21.30
C SER A 78 -14.50 14.30 21.99
N LYS A 79 -15.38 13.90 22.92
CA LYS A 79 -15.27 12.64 23.66
C LYS A 79 -16.24 11.62 23.07
N MET A 80 -15.70 10.56 22.48
CA MET A 80 -16.51 9.53 21.86
C MET A 80 -16.18 8.22 22.55
N THR A 81 -17.22 7.52 23.01
CA THR A 81 -17.00 6.23 23.64
C THR A 81 -16.43 5.24 22.62
N LEU A 82 -15.58 4.35 23.12
CA LEU A 82 -14.88 3.40 22.28
C LEU A 82 -15.62 2.08 22.32
N THR A 83 -16.00 1.58 21.14
CA THR A 83 -16.84 0.38 21.08
C THR A 83 -16.02 -0.85 20.76
N GLN A 84 -15.53 -0.96 19.52
CA GLN A 84 -14.84 -2.17 19.11
C GLN A 84 -13.60 -2.35 19.98
N PRO A 85 -13.18 -3.59 20.21
CA PRO A 85 -12.16 -3.86 21.22
C PRO A 85 -10.76 -3.62 20.68
N TRP A 86 -9.81 -3.67 21.61
CA TRP A 86 -8.40 -3.39 21.33
C TRP A 86 -7.76 -4.49 20.48
N ASP A 87 -7.06 -4.10 19.41
CA ASP A 87 -6.48 -5.02 18.44
C ASP A 87 -5.02 -4.65 18.19
N PRO A 88 -4.06 -5.29 18.86
CA PRO A 88 -2.68 -4.80 18.80
C PRO A 88 -2.06 -4.93 17.41
N LEU A 89 -0.96 -4.22 17.20
CA LEU A 89 -0.23 -4.29 15.94
C LEU A 89 0.78 -5.43 16.06
N ASP A 90 0.27 -6.64 15.92
CA ASP A 90 1.09 -7.84 15.93
C ASP A 90 0.49 -8.84 14.96
N ILE A 91 1.15 -9.98 14.86
CA ILE A 91 0.64 -11.10 14.08
C ILE A 91 0.22 -12.16 15.09
N PRO A 92 -1.07 -12.35 15.31
CA PRO A 92 -1.53 -13.36 16.26
C PRO A 92 -1.08 -14.74 15.84
N GLN A 93 -1.09 -15.66 16.81
CA GLN A 93 -0.61 -17.01 16.55
C GLN A 93 -1.52 -17.75 15.57
N ASN A 94 -2.85 -17.59 15.72
CA ASN A 94 -3.82 -18.26 14.88
C ASN A 94 -3.67 -17.91 13.39
N SER A 95 -2.83 -16.91 13.06
CA SER A 95 -2.70 -16.42 11.69
C SER A 95 -1.98 -17.40 10.78
N THR A 96 -2.41 -17.45 9.53
CA THR A 96 -1.73 -18.23 8.51
C THR A 96 -0.73 -17.36 7.72
N PHE A 97 0.22 -18.03 7.07
CA PHE A 97 1.36 -17.39 6.41
C PHE A 97 1.18 -17.36 4.91
N GLU A 98 1.14 -16.17 4.30
CA GLU A 98 0.78 -16.06 2.89
C GLU A 98 1.97 -16.09 1.94
N ASP A 99 2.94 -15.19 2.13
CA ASP A 99 3.99 -14.93 1.14
C ASP A 99 5.13 -14.22 1.84
N GLN A 100 6.32 -14.33 1.24
CA GLN A 100 7.50 -13.61 1.69
C GLN A 100 8.08 -12.87 0.49
N TYR A 101 8.17 -11.55 0.62
CA TYR A 101 8.62 -10.63 -0.42
C TYR A 101 10.00 -10.08 -0.06
N SER A 102 10.57 -9.33 -1.00
CA SER A 102 11.75 -8.54 -0.70
C SER A 102 11.53 -7.19 -1.36
N ILE A 103 11.60 -6.13 -0.58
CA ILE A 103 11.26 -4.80 -1.06
C ILE A 103 12.52 -4.01 -1.40
N GLY A 104 12.41 -3.18 -2.44
CA GLY A 104 13.55 -2.54 -3.00
C GLY A 104 14.16 -3.51 -3.98
N GLY A 105 15.44 -3.36 -4.18
CA GLY A 105 16.12 -4.24 -5.06
C GLY A 105 17.38 -4.67 -4.39
N PRO A 106 18.19 -5.43 -5.11
CA PRO A 106 19.38 -6.04 -4.52
C PRO A 106 20.25 -5.02 -3.80
N GLN A 107 20.85 -5.47 -2.70
CA GLN A 107 21.67 -4.68 -1.77
C GLN A 107 20.87 -3.80 -0.81
N GLU A 108 19.97 -2.92 -1.31
CA GLU A 108 19.20 -2.09 -0.39
C GLU A 108 17.81 -2.72 -0.35
N GLN A 109 17.67 -3.68 0.56
CA GLN A 109 16.47 -4.49 0.57
C GLN A 109 16.13 -4.85 2.01
N ILE A 110 14.85 -5.11 2.21
CA ILE A 110 14.34 -5.75 3.41
C ILE A 110 13.47 -6.92 3.01
N THR A 111 13.60 -8.03 3.72
CA THR A 111 12.67 -9.13 3.53
C THR A 111 11.49 -8.95 4.49
N VAL A 112 10.30 -9.27 3.99
CA VAL A 112 9.05 -9.09 4.72
C VAL A 112 8.23 -10.35 4.55
N GLN A 113 7.32 -10.56 5.48
CA GLN A 113 6.39 -11.68 5.47
C GLN A 113 4.99 -11.11 5.52
N GLU A 114 4.11 -11.73 4.73
CA GLU A 114 2.70 -11.39 4.72
C GLU A 114 1.95 -12.47 5.49
N TRP A 115 1.16 -12.06 6.48
CA TRP A 115 0.38 -12.98 7.28
C TRP A 115 -1.08 -12.56 7.23
N SER A 116 -1.96 -13.56 7.43
CA SER A 116 -3.40 -13.34 7.37
C SER A 116 -4.09 -14.00 8.56
N ASP A 117 -4.85 -13.24 9.31
CA ASP A 117 -5.61 -13.86 10.38
C ASP A 117 -7.01 -14.21 9.93
N ARG A 118 -7.58 -13.44 8.98
CA ARG A 118 -8.94 -13.66 8.49
C ARG A 118 -9.96 -13.74 9.64
N LYS A 119 -9.78 -12.89 10.68
CA LYS A 119 -10.58 -12.96 11.91
C LYS A 119 -12.08 -12.70 11.67
N SER A 120 -12.87 -13.77 11.57
CA SER A 120 -14.25 -13.63 11.14
C SER A 120 -15.09 -12.81 12.12
N ALA A 121 -15.38 -13.33 13.31
CA ALA A 121 -16.41 -12.77 14.20
C ALA A 121 -17.78 -12.77 13.50
N ARG A 122 -17.97 -13.76 12.62
CA ARG A 122 -19.17 -14.16 11.90
C ARG A 122 -19.45 -13.37 10.60
N SER A 123 -18.74 -12.27 10.35
CA SER A 123 -18.91 -11.47 9.12
C SER A 123 -17.92 -11.83 8.01
N TYR A 124 -16.85 -12.55 8.33
CA TYR A 124 -15.76 -12.86 7.42
C TYR A 124 -15.05 -11.58 6.93
N GLU A 125 -14.58 -10.81 7.92
CA GLU A 125 -13.61 -9.73 7.73
C GLU A 125 -12.22 -10.35 7.81
N THR A 126 -11.43 -10.17 6.77
CA THR A 126 -10.08 -10.71 6.76
C THR A 126 -9.11 -9.58 7.08
N TRP A 127 -8.11 -9.89 7.90
CA TRP A 127 -7.01 -8.99 8.19
C TRP A 127 -5.74 -9.54 7.56
N ILE A 128 -4.94 -8.65 6.99
CA ILE A 128 -3.71 -9.00 6.31
C ILE A 128 -2.64 -7.98 6.70
N GLY A 129 -1.54 -8.46 7.28
CA GLY A 129 -0.48 -7.58 7.73
C GLY A 129 0.87 -8.03 7.19
N ILE A 130 1.71 -7.06 6.88
CA ILE A 130 3.05 -7.28 6.34
C ILE A 130 4.05 -6.77 7.37
N TYR A 131 4.89 -7.68 7.87
CA TYR A 131 5.86 -7.39 8.92
C TYR A 131 7.25 -7.81 8.48
N THR A 132 8.26 -7.21 9.08
CA THR A 132 9.61 -7.50 8.61
C THR A 132 10.00 -8.89 9.10
N VAL A 133 11.01 -9.48 8.47
CA VAL A 133 11.35 -10.86 8.79
C VAL A 133 12.39 -10.93 9.91
N LYS A 134 13.40 -10.04 9.93
CA LYS A 134 14.47 -10.20 10.89
C LYS A 134 13.99 -9.81 12.29
N ASP A 135 13.33 -8.65 12.43
CA ASP A 135 12.94 -8.11 13.74
C ASP A 135 11.47 -7.69 13.86
N CYS A 136 10.63 -8.06 12.90
CA CYS A 136 9.17 -8.04 13.01
C CYS A 136 8.55 -6.65 13.01
N TYR A 137 9.20 -5.64 12.42
CA TYR A 137 8.64 -4.28 12.39
C TYR A 137 7.43 -4.24 11.46
N PRO A 138 6.37 -3.52 11.82
CA PRO A 138 5.22 -3.43 10.93
C PRO A 138 5.48 -2.49 9.75
N VAL A 139 5.10 -2.93 8.54
CA VAL A 139 5.15 -2.08 7.38
C VAL A 139 3.75 -1.78 6.85
N GLN A 140 2.85 -2.76 6.89
CA GLN A 140 1.54 -2.47 6.31
C GLN A 140 0.43 -3.31 6.93
N GLU A 141 -0.74 -2.70 7.07
CA GLU A 141 -1.92 -3.36 7.58
C GLU A 141 -3.10 -3.09 6.64
N THR A 142 -3.91 -4.12 6.38
CA THR A 142 -5.04 -4.02 5.47
C THR A 142 -6.20 -4.81 6.08
N PHE A 143 -7.32 -4.14 6.32
CA PHE A 143 -8.57 -4.80 6.71
C PHE A 143 -9.54 -4.80 5.54
N THR A 144 -10.13 -5.96 5.28
CA THR A 144 -11.06 -6.12 4.17
C THR A 144 -12.26 -6.98 4.52
N ILE A 145 -13.45 -6.50 4.16
CA ILE A 145 -14.69 -7.23 4.36
C ILE A 145 -15.17 -7.67 2.99
N ASN A 146 -15.60 -8.92 2.91
CA ASN A 146 -15.80 -9.71 1.69
C ASN A 146 -14.92 -9.24 0.53
N TYR A 147 -13.62 -9.31 0.72
CA TYR A 147 -12.64 -9.23 -0.37
C TYR A 147 -12.65 -7.87 -1.09
N SER A 148 -12.97 -6.79 -0.38
CA SER A 148 -12.74 -5.44 -0.87
C SER A 148 -12.17 -4.57 0.23
N VAL A 149 -11.16 -3.78 -0.13
CA VAL A 149 -10.42 -3.06 0.89
C VAL A 149 -11.33 -2.02 1.49
N ILE A 150 -11.56 -2.13 2.80
CA ILE A 150 -12.16 -1.01 3.52
C ILE A 150 -11.10 -0.10 4.13
N LEU A 151 -9.97 -0.64 4.58
CA LEU A 151 -8.97 0.28 5.12
C LEU A 151 -7.57 -0.33 5.06
N SER A 152 -6.58 0.44 4.59
CA SER A 152 -5.21 0.00 4.82
C SER A 152 -4.37 1.16 5.31
N THR A 153 -3.20 0.83 5.81
CA THR A 153 -2.37 1.81 6.48
C THR A 153 -0.93 1.34 6.40
N ARG A 154 -0.05 2.24 5.95
CA ARG A 154 1.38 2.03 5.80
C ARG A 154 2.11 2.75 6.93
N PHE A 155 3.19 2.14 7.40
CA PHE A 155 3.96 2.67 8.52
C PHE A 155 5.41 2.80 8.13
N PHE A 156 6.01 3.92 8.52
CA PHE A 156 7.45 4.12 8.31
C PHE A 156 8.02 5.07 9.38
N ASP A 157 9.35 5.24 9.30
CA ASP A 157 10.10 6.10 10.23
C ASP A 157 9.89 5.64 11.66
N ILE A 158 9.90 4.34 11.88
CA ILE A 158 9.60 3.78 13.19
C ILE A 158 10.84 3.85 14.06
N GLN A 159 10.71 4.46 15.23
CA GLN A 159 11.66 4.29 16.31
C GLN A 159 10.94 3.73 17.55
N LEU A 160 11.68 2.90 18.28
CA LEU A 160 11.14 2.16 19.40
C LEU A 160 10.98 3.05 20.63
N GLY A 161 10.06 2.63 21.50
CA GLY A 161 9.74 3.38 22.68
C GLY A 161 8.90 4.60 22.35
N ILE A 162 8.50 5.32 23.40
CA ILE A 162 7.85 6.62 23.33
C ILE A 162 8.78 7.65 23.94
N LYS A 163 9.05 8.74 23.20
CA LYS A 163 9.99 9.76 23.68
C LYS A 163 9.38 10.61 24.80
N ASP A 164 8.25 11.24 24.53
CA ASP A 164 7.58 12.06 25.53
C ASP A 164 6.17 11.49 25.66
N PRO A 165 5.88 10.76 26.74
CA PRO A 165 4.56 10.17 26.92
C PRO A 165 3.46 11.15 27.21
N SER A 166 3.76 12.42 27.41
CA SER A 166 2.65 13.33 27.67
C SER A 166 1.69 13.40 26.48
N VAL A 167 2.11 12.95 25.28
CA VAL A 167 1.23 12.92 24.11
C VAL A 167 -0.09 12.26 24.46
N PHE A 168 -0.07 11.35 25.43
CA PHE A 168 -1.24 10.56 25.76
C PHE A 168 -2.16 11.24 26.77
N THR A 169 -1.73 12.32 27.41
CA THR A 169 -2.59 13.03 28.35
C THR A 169 -3.35 14.12 27.60
N PRO A 170 -4.68 14.07 27.55
CA PRO A 170 -5.43 15.01 26.71
C PRO A 170 -5.26 16.43 27.19
N PRO A 171 -5.48 17.42 26.32
CA PRO A 171 -5.31 18.81 26.72
C PRO A 171 -6.34 19.17 27.77
N SER A 172 -6.15 20.35 28.36
CA SER A 172 -7.01 20.76 29.47
C SER A 172 -8.49 20.68 29.09
N THR A 173 -8.79 21.07 27.85
CA THR A 173 -10.14 21.09 27.27
C THR A 173 -10.85 19.73 27.22
N CYS A 174 -10.15 18.61 27.22
CA CYS A 174 -10.92 17.38 27.09
C CYS A 174 -11.46 16.88 28.41
N GLN A 175 -11.23 17.60 29.53
CA GLN A 175 -11.74 17.12 30.81
C GLN A 175 -13.28 17.07 30.84
N MET A 176 -13.94 17.79 29.95
CA MET A 176 -15.39 17.68 29.77
C MET A 176 -15.67 18.17 28.35
N ALA A 177 -15.66 17.25 27.38
CA ALA A 177 -15.65 17.58 25.96
C ALA A 177 -17.01 17.38 25.31
N GLN A 178 -17.08 17.73 24.00
CA GLN A 178 -18.33 17.96 23.26
C GLN A 178 -19.24 16.73 23.14
N LEU A 179 -18.73 15.52 23.43
CA LEU A 179 -19.53 14.31 23.57
C LEU A 179 -20.12 13.75 22.27
N GLU A 180 -20.07 14.50 21.17
CA GLU A 180 -20.50 14.03 19.85
C GLU A 180 -19.33 14.19 18.87
N LYS A 181 -19.53 13.82 17.62
CA LYS A 181 -18.49 14.04 16.62
C LYS A 181 -18.49 15.51 16.17
N MET A 182 -17.34 15.97 15.66
CA MET A 182 -17.27 17.26 14.99
C MET A 182 -16.67 17.04 13.60
N SER A 183 -16.96 17.98 12.68
CA SER A 183 -16.63 17.85 11.27
C SER A 183 -15.12 17.84 11.03
N GLU A 184 -14.73 17.79 9.77
CA GLU A 184 -13.31 17.82 9.39
C GLU A 184 -13.14 18.63 8.11
N ASP A 185 -13.75 19.81 8.05
CA ASP A 185 -13.75 20.56 6.80
C ASP A 185 -13.69 22.06 7.05
N CYS A 186 -13.11 22.76 6.08
CA CYS A 186 -12.90 24.20 6.14
C CYS A 186 -14.03 24.99 5.47
N SER B 1 20.97 22.93 -1.22
CA SER B 1 20.13 22.56 -2.37
C SER B 1 19.10 21.46 -2.04
N ALA B 2 18.46 20.94 -3.09
CA ALA B 2 17.24 20.13 -3.13
C ALA B 2 17.49 18.76 -3.79
N PRO B 3 16.73 17.72 -3.41
CA PRO B 3 16.97 16.37 -3.95
C PRO B 3 16.73 16.29 -5.46
N ARG B 4 17.65 15.59 -6.17
CA ARG B 4 17.52 15.43 -7.62
C ARG B 4 17.07 14.00 -7.95
N PRO B 5 16.19 13.80 -8.95
CA PRO B 5 15.60 12.48 -9.17
C PRO B 5 16.59 11.51 -9.81
N CYS B 6 16.63 10.29 -9.26
CA CYS B 6 17.49 9.20 -9.72
C CYS B 6 16.91 8.53 -10.96
N GLN B 7 17.58 7.48 -11.44
CA GLN B 7 17.20 6.83 -12.68
C GLN B 7 16.80 5.39 -12.38
N ALA B 8 15.53 5.09 -12.56
CA ALA B 8 15.04 3.76 -12.28
C ALA B 8 15.59 2.77 -13.30
N PRO B 9 15.86 1.55 -12.88
CA PRO B 9 16.23 0.53 -13.86
C PRO B 9 15.06 0.34 -14.79
N GLN B 10 15.36 0.13 -16.07
CA GLN B 10 14.32 0.02 -17.07
C GLN B 10 14.25 -1.37 -17.69
N GLN B 11 14.85 -2.36 -17.04
CA GLN B 11 14.64 -3.75 -17.46
C GLN B 11 14.68 -4.58 -16.20
N TRP B 12 13.54 -5.09 -15.77
CA TRP B 12 13.53 -5.94 -14.59
C TRP B 12 12.24 -6.74 -14.53
N GLU B 13 12.31 -7.84 -13.78
CA GLU B 13 11.20 -8.74 -13.53
C GLU B 13 11.06 -8.92 -12.02
N GLY B 14 9.83 -9.13 -11.59
CA GLY B 14 9.54 -9.28 -10.17
C GLY B 14 8.07 -9.53 -10.02
N ARG B 15 7.50 -9.20 -8.85
CA ARG B 15 6.10 -9.49 -8.57
C ARG B 15 5.37 -8.24 -8.15
N GLN B 16 4.07 -8.24 -8.42
CA GLN B 16 3.25 -7.09 -8.11
C GLN B 16 2.00 -7.48 -7.34
N VAL B 17 1.55 -6.53 -6.53
CA VAL B 17 0.23 -6.57 -5.90
C VAL B 17 -0.46 -5.28 -6.31
N MET B 18 -1.54 -5.38 -7.07
CA MET B 18 -2.21 -4.21 -7.62
C MET B 18 -3.61 -4.07 -7.03
N TYR B 19 -3.87 -2.94 -6.36
CA TYR B 19 -5.21 -2.55 -5.89
C TYR B 19 -5.87 -1.64 -6.92
N GLN B 20 -7.14 -1.94 -7.23
CA GLN B 20 -7.95 -1.04 -8.04
C GLN B 20 -9.28 -0.78 -7.36
N GLN B 21 -9.67 0.49 -7.39
CA GLN B 21 -10.87 0.91 -6.69
C GLN B 21 -12.12 0.49 -7.44
N SER B 22 -12.04 0.44 -8.77
CA SER B 22 -13.18 0.00 -9.58
C SER B 22 -13.74 -1.33 -9.05
N SER B 23 -12.86 -2.31 -8.82
CA SER B 23 -13.23 -3.56 -8.15
C SER B 23 -13.17 -3.46 -6.64
N GLY B 24 -12.35 -2.55 -6.12
CA GLY B 24 -12.01 -2.55 -4.70
C GLY B 24 -11.12 -3.69 -4.24
N ARG B 25 -10.36 -4.31 -5.14
CA ARG B 25 -9.66 -5.56 -4.79
C ARG B 25 -8.18 -5.52 -5.13
N ASN B 26 -7.46 -6.51 -4.56
CA ASN B 26 -6.03 -6.76 -4.80
C ASN B 26 -5.84 -7.94 -5.75
N SER B 27 -4.89 -7.79 -6.68
CA SER B 27 -4.55 -8.82 -7.66
C SER B 27 -3.06 -9.09 -7.56
N ARG B 28 -2.69 -10.34 -7.34
CA ARG B 28 -1.28 -10.68 -7.39
C ARG B 28 -0.88 -11.11 -8.80
N ALA B 29 0.38 -10.83 -9.15
CA ALA B 29 0.83 -11.22 -10.46
C ALA B 29 2.34 -11.24 -10.47
N LEU B 30 2.89 -12.04 -11.40
CA LEU B 30 4.25 -11.85 -11.88
C LEU B 30 4.26 -10.74 -12.91
N LEU B 31 5.36 -9.99 -12.96
CA LEU B 31 5.44 -8.81 -13.82
C LEU B 31 6.83 -8.76 -14.45
N SER B 32 6.90 -8.86 -15.78
CA SER B 32 8.11 -8.55 -16.56
C SER B 32 7.97 -7.14 -17.14
N TYR B 33 8.95 -6.27 -16.86
CA TYR B 33 8.90 -4.87 -17.27
C TYR B 33 10.10 -4.60 -18.15
N ASP B 34 9.86 -4.28 -19.42
CA ASP B 34 10.91 -4.01 -20.38
C ASP B 34 10.62 -2.60 -20.88
N GLY B 35 11.14 -1.61 -20.18
CA GLY B 35 10.94 -0.26 -20.63
C GLY B 35 11.80 0.13 -21.81
N LEU B 36 12.89 -0.59 -22.06
CA LEU B 36 13.68 -0.32 -23.25
C LEU B 36 12.90 -0.65 -24.53
N ASN B 37 12.09 -1.71 -24.50
CA ASN B 37 11.23 -2.04 -25.63
C ASN B 37 9.77 -1.61 -25.45
N GLN B 38 9.46 -0.80 -24.45
CA GLN B 38 8.09 -0.31 -24.21
C GLN B 38 7.09 -1.44 -24.16
N ARG B 39 7.41 -2.49 -23.42
CA ARG B 39 6.54 -3.64 -23.43
C ARG B 39 6.52 -4.25 -22.04
N VAL B 40 5.40 -4.86 -21.71
CA VAL B 40 5.26 -5.37 -20.34
C VAL B 40 4.32 -6.56 -20.34
N ARG B 41 4.72 -7.63 -19.64
CA ARG B 41 3.96 -8.86 -19.49
C ARG B 41 3.62 -9.12 -18.02
N VAL B 42 2.42 -9.63 -17.76
CA VAL B 42 1.96 -9.84 -16.40
C VAL B 42 1.12 -11.12 -16.33
N LEU B 43 1.35 -11.91 -15.28
CA LEU B 43 0.79 -13.26 -15.14
C LEU B 43 0.08 -13.42 -13.79
N ASP B 44 -1.25 -13.55 -13.79
CA ASP B 44 -2.01 -13.60 -12.55
C ASP B 44 -1.51 -14.72 -11.64
N GLU B 45 -1.50 -14.44 -10.34
CA GLU B 45 -1.25 -15.41 -9.29
C GLU B 45 -2.53 -15.53 -8.48
N ARG B 46 -2.82 -16.73 -8.02
CA ARG B 46 -3.89 -16.89 -7.06
C ARG B 46 -3.26 -16.93 -5.68
N LYS B 47 -3.79 -16.10 -4.78
CA LYS B 47 -3.36 -16.02 -3.38
C LYS B 47 -3.68 -17.32 -2.66
N ALA B 48 -4.94 -17.48 -2.30
CA ALA B 48 -5.48 -18.74 -1.85
C ALA B 48 -6.53 -19.15 -2.85
N LEU B 49 -7.13 -20.31 -2.61
CA LEU B 49 -8.08 -20.84 -3.58
C LEU B 49 -9.48 -20.26 -3.40
N ILE B 50 -9.63 -19.08 -2.80
CA ILE B 50 -10.94 -18.60 -2.37
C ILE B 50 -11.73 -17.83 -3.45
N PRO B 51 -11.12 -17.10 -4.41
CA PRO B 51 -11.97 -16.32 -5.32
C PRO B 51 -12.26 -16.97 -6.69
N CYS B 52 -11.50 -18.01 -7.08
CA CYS B 52 -11.56 -18.63 -8.42
C CYS B 52 -11.52 -17.58 -9.53
N LYS B 53 -10.58 -16.64 -9.41
CA LYS B 53 -10.61 -15.46 -10.27
C LYS B 53 -10.41 -15.77 -11.75
N ARG B 54 -10.06 -17.00 -12.14
CA ARG B 54 -9.62 -17.31 -13.51
C ARG B 54 -8.30 -16.61 -13.82
N LEU B 55 -7.19 -17.32 -13.80
CA LEU B 55 -5.92 -16.67 -14.04
C LEU B 55 -5.77 -16.30 -15.52
N PHE B 56 -5.09 -15.18 -15.79
CA PHE B 56 -4.83 -14.73 -17.13
C PHE B 56 -3.37 -14.35 -17.26
N GLU B 57 -2.96 -14.10 -18.50
CA GLU B 57 -1.64 -13.57 -18.83
C GLU B 57 -1.87 -12.46 -19.85
N TYR B 58 -1.39 -11.25 -19.55
CA TYR B 58 -1.55 -10.11 -20.43
C TYR B 58 -0.18 -9.72 -20.99
N ILE B 59 -0.12 -9.49 -22.29
CA ILE B 59 1.07 -8.98 -22.95
C ILE B 59 0.73 -7.66 -23.60
N LEU B 60 1.47 -6.62 -23.26
CA LEU B 60 1.22 -5.27 -23.73
C LEU B 60 2.41 -4.84 -24.59
N LEU B 61 2.16 -4.63 -25.89
CA LEU B 61 3.16 -4.12 -26.83
C LEU B 61 2.75 -2.71 -27.24
N TYR B 62 3.44 -1.72 -26.68
CA TYR B 62 3.17 -0.32 -26.93
C TYR B 62 3.90 0.20 -28.14
N LYS B 63 4.94 -0.51 -28.61
CA LYS B 63 5.56 -0.15 -29.87
C LYS B 63 4.56 -0.36 -31.01
N ASP B 64 3.83 -1.47 -30.95
CA ASP B 64 2.64 -1.67 -31.77
C ASP B 64 1.52 -0.96 -31.04
N GLY B 65 0.28 -1.38 -31.24
CA GLY B 65 -0.72 -0.71 -30.44
C GLY B 65 -1.61 -1.72 -29.76
N VAL B 66 -1.04 -2.77 -29.20
CA VAL B 66 -1.89 -3.93 -28.95
C VAL B 66 -1.55 -4.67 -27.68
N MET B 67 -2.55 -5.36 -27.15
CA MET B 67 -2.34 -6.21 -26.00
C MET B 67 -3.17 -7.47 -26.12
N PHE B 68 -2.63 -8.55 -25.60
CA PHE B 68 -3.22 -9.86 -25.70
C PHE B 68 -3.56 -10.36 -24.29
N GLN B 69 -4.76 -10.89 -24.14
CA GLN B 69 -5.20 -11.51 -22.90
C GLN B 69 -5.40 -13.00 -23.16
N ILE B 70 -4.72 -13.83 -22.38
CA ILE B 70 -4.61 -15.27 -22.60
C ILE B 70 -5.13 -16.01 -21.37
N ASP B 71 -6.14 -16.86 -21.54
CA ASP B 71 -6.50 -17.76 -20.44
C ASP B 71 -5.31 -18.65 -20.12
N GLN B 72 -5.02 -18.80 -18.84
CA GLN B 72 -3.83 -19.56 -18.54
C GLN B 72 -4.07 -21.03 -18.79
N ALA B 73 -5.31 -21.48 -18.63
CA ALA B 73 -5.67 -22.89 -18.85
C ALA B 73 -5.86 -23.21 -20.32
N THR B 74 -6.91 -22.66 -20.93
CA THR B 74 -7.25 -22.94 -22.32
C THR B 74 -6.35 -22.24 -23.34
N LYS B 75 -5.63 -21.22 -22.91
CA LYS B 75 -4.75 -20.42 -23.75
C LYS B 75 -5.51 -19.68 -24.85
N GLN B 76 -6.83 -19.57 -24.75
CA GLN B 76 -7.57 -18.81 -25.74
C GLN B 76 -7.25 -17.32 -25.61
N CYS B 77 -7.24 -16.62 -26.73
CA CYS B 77 -6.67 -15.28 -26.78
C CYS B 77 -7.69 -14.20 -27.16
N SER B 78 -7.46 -12.99 -26.63
CA SER B 78 -8.23 -11.79 -26.96
C SER B 78 -7.25 -10.68 -27.32
N LYS B 79 -7.48 -10.07 -28.48
CA LYS B 79 -6.65 -8.98 -28.99
C LYS B 79 -7.37 -7.66 -28.73
N MET B 80 -6.78 -6.81 -27.89
CA MET B 80 -7.35 -5.55 -27.46
C MET B 80 -6.48 -4.40 -27.90
N THR B 81 -7.11 -3.43 -28.55
CA THR B 81 -6.38 -2.24 -28.97
C THR B 81 -5.94 -1.44 -27.74
N LEU B 82 -4.77 -0.86 -27.84
CA LEU B 82 -4.19 -0.09 -26.76
C LEU B 82 -4.42 1.37 -27.08
N THR B 83 -5.10 2.08 -26.20
CA THR B 83 -5.43 3.47 -26.54
C THR B 83 -4.42 4.39 -25.87
N GLN B 84 -4.49 4.47 -24.54
CA GLN B 84 -3.64 5.40 -23.81
C GLN B 84 -2.17 5.08 -24.06
N PRO B 85 -1.30 6.09 -23.97
CA PRO B 85 0.10 5.94 -24.41
C PRO B 85 1.01 5.31 -23.37
N TRP B 86 2.24 5.05 -23.80
CA TRP B 86 3.22 4.42 -22.93
C TRP B 86 3.61 5.37 -21.81
N ASP B 87 3.60 4.87 -20.58
CA ASP B 87 3.87 5.67 -19.38
C ASP B 87 4.88 4.94 -18.49
N PRO B 88 6.17 5.23 -18.60
CA PRO B 88 7.19 4.36 -18.01
C PRO B 88 7.22 4.34 -16.47
N LEU B 89 7.90 3.33 -15.94
CA LEU B 89 8.10 3.19 -14.50
C LEU B 89 9.41 3.87 -14.13
N ASP B 90 9.37 5.21 -14.09
CA ASP B 90 10.49 6.00 -13.63
C ASP B 90 9.93 7.23 -12.94
N ILE B 91 10.84 8.06 -12.45
CA ILE B 91 10.46 9.36 -11.88
C ILE B 91 10.93 10.46 -12.82
N PRO B 92 10.01 11.01 -13.60
CA PRO B 92 10.37 12.07 -14.55
C PRO B 92 11.01 13.24 -13.85
N GLN B 93 11.80 14.02 -14.60
CA GLN B 93 12.54 15.11 -13.97
C GLN B 93 11.59 16.18 -13.45
N ASN B 94 10.57 16.53 -14.24
CA ASN B 94 9.60 17.58 -13.90
C ASN B 94 8.83 17.28 -12.60
N SER B 95 8.98 16.06 -12.05
CA SER B 95 8.24 15.69 -10.86
C SER B 95 8.79 16.45 -9.65
N THR B 96 7.89 16.77 -8.73
CA THR B 96 8.26 17.39 -7.46
C THR B 96 8.52 16.33 -6.39
N PHE B 97 9.23 16.74 -5.33
CA PHE B 97 9.69 15.84 -4.28
C PHE B 97 8.82 16.03 -3.03
N GLU B 98 8.14 14.96 -2.62
CA GLU B 98 7.20 15.02 -1.50
C GLU B 98 7.89 14.70 -0.19
N ASP B 99 8.54 13.53 -0.10
CA ASP B 99 8.93 13.03 1.21
C ASP B 99 10.00 11.94 1.08
N GLN B 100 10.74 11.76 2.17
CA GLN B 100 11.71 10.68 2.31
C GLN B 100 11.38 9.92 3.59
N TYR B 101 11.07 8.63 3.44
CA TYR B 101 10.68 7.72 4.52
C TYR B 101 11.78 6.68 4.74
N SER B 102 11.57 5.89 5.77
CA SER B 102 12.37 4.70 5.99
C SER B 102 11.42 3.60 6.37
N ILE B 103 11.48 2.48 5.66
CA ILE B 103 10.55 1.38 5.86
C ILE B 103 11.22 0.30 6.68
N GLY B 104 10.43 -0.37 7.51
CA GLY B 104 10.99 -1.30 8.47
C GLY B 104 11.39 -0.56 9.73
N GLY B 105 12.37 -1.11 10.43
CA GLY B 105 12.83 -0.47 11.62
C GLY B 105 14.33 -0.40 11.75
N PRO B 106 14.77 0.08 12.91
CA PRO B 106 16.18 0.48 13.11
C PRO B 106 17.24 -0.52 12.67
N GLN B 107 17.03 -1.82 12.82
CA GLN B 107 18.15 -2.66 12.40
C GLN B 107 18.13 -2.93 10.89
N GLU B 108 16.99 -3.36 10.34
CA GLU B 108 16.83 -3.73 8.93
C GLU B 108 15.89 -2.77 8.18
N GLN B 109 16.44 -1.83 7.41
CA GLN B 109 15.61 -0.80 6.79
C GLN B 109 16.14 -0.39 5.41
N ILE B 110 15.26 0.21 4.61
CA ILE B 110 15.64 0.90 3.38
C ILE B 110 15.04 2.31 3.39
N THR B 111 15.79 3.27 2.88
CA THR B 111 15.28 4.61 2.68
C THR B 111 14.60 4.71 1.31
N VAL B 112 13.50 5.45 1.27
CA VAL B 112 12.71 5.60 0.04
C VAL B 112 12.27 7.04 -0.07
N GLN B 113 11.98 7.46 -1.29
CA GLN B 113 11.51 8.83 -1.56
C GLN B 113 10.20 8.79 -2.32
N GLU B 114 9.32 9.69 -1.94
CA GLU B 114 8.03 9.84 -2.57
C GLU B 114 8.10 11.06 -3.47
N TRP B 115 7.71 10.89 -4.73
CA TRP B 115 7.70 11.96 -5.71
C TRP B 115 6.30 12.03 -6.29
N SER B 116 5.97 13.23 -6.77
CA SER B 116 4.65 13.49 -7.35
C SER B 116 4.82 14.21 -8.68
N ASP B 117 4.29 13.61 -9.73
CA ASP B 117 4.32 14.25 -11.04
C ASP B 117 3.04 15.02 -11.32
N ARG B 118 1.92 14.60 -10.75
CA ARG B 118 0.60 15.21 -11.01
C ARG B 118 0.30 15.30 -12.52
N LYS B 119 0.70 14.25 -13.26
CA LYS B 119 0.62 14.23 -14.74
C LYS B 119 -0.81 14.37 -15.25
N TYR B 124 -7.15 16.66 -14.02
CA TYR B 124 -6.31 16.62 -12.82
C TYR B 124 -6.12 15.21 -12.24
N GLU B 125 -5.57 14.32 -13.07
CA GLU B 125 -5.07 13.02 -12.63
C GLU B 125 -3.64 13.18 -12.13
N THR B 126 -3.41 12.82 -10.88
CA THR B 126 -2.10 12.91 -10.25
C THR B 126 -1.45 11.53 -10.12
N TRP B 127 -0.15 11.48 -10.39
CA TRP B 127 0.66 10.29 -10.15
C TRP B 127 1.67 10.55 -9.04
N ILE B 128 1.85 9.55 -8.19
CA ILE B 128 2.76 9.56 -7.05
C ILE B 128 3.51 8.23 -6.97
N GLY B 129 4.82 8.29 -6.97
CA GLY B 129 5.63 7.10 -6.97
C GLY B 129 6.65 7.11 -5.85
N ILE B 130 6.89 5.95 -5.27
CA ILE B 130 7.85 5.78 -4.21
C ILE B 130 8.94 4.85 -4.74
N TYR B 131 10.18 5.36 -4.76
CA TYR B 131 11.36 4.64 -5.24
C TYR B 131 12.46 4.67 -4.18
N THR B 132 13.36 3.69 -4.20
CA THR B 132 14.38 3.63 -3.15
C THR B 132 15.47 4.70 -3.39
N VAL B 133 16.27 4.96 -2.35
CA VAL B 133 17.22 6.08 -2.38
C VAL B 133 18.55 5.68 -2.98
N LYS B 134 19.05 4.50 -2.62
CA LYS B 134 20.40 4.14 -3.02
C LYS B 134 20.44 3.85 -4.52
N ASP B 135 19.53 3.00 -5.00
CA ASP B 135 19.55 2.53 -6.39
C ASP B 135 18.23 2.67 -7.12
N CYS B 136 17.27 3.40 -6.59
CA CYS B 136 16.11 3.85 -7.37
C CYS B 136 15.16 2.73 -7.81
N TYR B 137 15.09 1.62 -7.06
CA TYR B 137 14.13 0.55 -7.38
C TYR B 137 12.71 0.99 -7.05
N PRO B 138 11.73 0.64 -7.87
CA PRO B 138 10.34 1.00 -7.56
C PRO B 138 9.77 0.14 -6.43
N VAL B 139 9.06 0.80 -5.50
CA VAL B 139 8.32 0.09 -4.48
C VAL B 139 6.83 0.28 -4.65
N GLN B 140 6.40 1.47 -5.01
CA GLN B 140 4.97 1.64 -5.12
C GLN B 140 4.62 2.77 -6.07
N GLU B 141 3.50 2.60 -6.73
CA GLU B 141 2.96 3.57 -7.65
C GLU B 141 1.49 3.78 -7.32
N THR B 142 1.03 5.03 -7.39
CA THR B 142 -0.35 5.37 -7.08
C THR B 142 -0.85 6.41 -8.08
N PHE B 143 -1.88 6.09 -8.85
CA PHE B 143 -2.60 7.04 -9.69
C PHE B 143 -3.93 7.40 -9.03
N THR B 144 -4.21 8.70 -8.97
CA THR B 144 -5.36 9.24 -8.28
C THR B 144 -6.02 10.39 -9.03
N ILE B 145 -7.34 10.34 -9.12
CA ILE B 145 -8.16 11.35 -9.79
C ILE B 145 -8.90 12.15 -8.72
N ASN B 146 -8.86 13.48 -8.86
CA ASN B 146 -9.24 14.44 -7.82
C ASN B 146 -9.12 13.84 -6.43
N TYR B 147 -7.89 13.43 -6.08
CA TYR B 147 -7.53 13.10 -4.70
C TYR B 147 -8.30 11.88 -4.18
N SER B 148 -8.61 10.93 -5.07
CA SER B 148 -9.09 9.61 -4.68
C SER B 148 -8.45 8.53 -5.53
N VAL B 149 -8.04 7.45 -4.87
CA VAL B 149 -7.26 6.43 -5.55
C VAL B 149 -8.14 5.73 -6.57
N ILE B 150 -7.70 5.76 -7.84
CA ILE B 150 -8.24 4.85 -8.85
C ILE B 150 -7.36 3.59 -8.97
N LEU B 151 -6.05 3.72 -8.80
CA LEU B 151 -5.23 2.51 -8.86
C LEU B 151 -3.92 2.71 -8.10
N SER B 152 -3.50 1.72 -7.32
CA SER B 152 -2.13 1.70 -6.84
C SER B 152 -1.57 0.29 -7.01
N THR B 153 -0.26 0.17 -6.93
CA THR B 153 0.38 -1.10 -7.25
C THR B 153 1.75 -1.15 -6.58
N ARG B 154 2.01 -2.24 -5.86
CA ARG B 154 3.24 -2.50 -5.13
C ARG B 154 4.11 -3.51 -5.87
N PHE B 155 5.43 -3.32 -5.76
CA PHE B 155 6.43 -4.12 -6.45
C PHE B 155 7.44 -4.73 -5.49
N PHE B 156 7.78 -6.00 -5.69
CA PHE B 156 8.83 -6.61 -4.90
C PHE B 156 9.51 -7.74 -5.67
N ASP B 157 10.48 -8.37 -5.00
CA ASP B 157 11.23 -9.49 -5.56
C ASP B 157 11.81 -9.09 -6.90
N ILE B 158 12.32 -7.87 -7.00
CA ILE B 158 12.78 -7.35 -8.28
C ILE B 158 14.21 -7.79 -8.58
N GLN B 159 14.41 -8.45 -9.70
CA GLN B 159 15.75 -8.65 -10.23
C GLN B 159 15.89 -7.98 -11.60
N LEU B 160 17.11 -7.55 -11.90
CA LEU B 160 17.32 -6.76 -13.09
C LEU B 160 17.42 -7.64 -14.32
N GLY B 161 17.16 -7.05 -15.46
CA GLY B 161 17.17 -7.74 -16.73
C GLY B 161 15.94 -8.61 -16.95
N ILE B 162 15.87 -9.22 -18.13
CA ILE B 162 14.85 -10.21 -18.47
C ILE B 162 15.54 -11.54 -18.71
N LYS B 163 15.07 -12.59 -18.02
CA LYS B 163 15.72 -13.90 -18.09
C LYS B 163 15.43 -14.62 -19.40
N ASP B 164 14.16 -14.79 -19.74
CA ASP B 164 13.72 -15.40 -20.99
C ASP B 164 12.80 -14.40 -21.67
N PRO B 165 13.24 -13.78 -22.78
CA PRO B 165 12.37 -12.85 -23.48
C PRO B 165 11.18 -13.47 -24.20
N SER B 166 11.08 -14.81 -24.29
CA SER B 166 9.92 -15.36 -24.99
C SER B 166 8.61 -14.99 -24.29
N VAL B 167 8.68 -14.55 -23.03
CA VAL B 167 7.49 -14.08 -22.31
C VAL B 167 6.73 -13.06 -23.12
N PHE B 168 7.44 -12.30 -23.96
CA PHE B 168 6.82 -11.22 -24.72
C PHE B 168 6.24 -11.66 -26.06
N THR B 169 6.53 -12.90 -26.49
CA THR B 169 6.02 -13.44 -27.75
C THR B 169 4.73 -14.21 -27.52
N PRO B 170 3.60 -13.76 -28.06
CA PRO B 170 2.29 -14.37 -27.73
C PRO B 170 2.18 -15.79 -28.25
N PRO B 171 1.32 -16.60 -27.64
CA PRO B 171 1.18 -18.00 -28.09
C PRO B 171 0.58 -18.11 -29.47
N SER B 172 0.56 -19.35 -29.96
CA SER B 172 0.06 -19.63 -31.30
C SER B 172 -1.37 -19.10 -31.48
N THR B 173 -2.20 -19.24 -30.44
CA THR B 173 -3.61 -18.86 -30.50
C THR B 173 -3.82 -17.40 -30.85
N CYS B 174 -2.86 -16.56 -30.52
CA CYS B 174 -3.04 -15.13 -30.75
C CYS B 174 -2.74 -14.76 -32.19
N GLN B 175 -2.45 -15.76 -33.04
CA GLN B 175 -2.21 -15.46 -34.45
C GLN B 175 -3.47 -14.94 -35.12
N MET B 176 -4.63 -15.36 -34.61
CA MET B 176 -5.93 -14.83 -35.06
C MET B 176 -6.93 -15.11 -33.93
N ALA B 177 -6.99 -14.19 -32.98
CA ALA B 177 -7.79 -14.31 -31.78
C ALA B 177 -8.98 -13.38 -31.88
N GLN B 178 -9.87 -13.46 -30.91
CA GLN B 178 -11.07 -12.63 -30.99
C GLN B 178 -10.64 -11.17 -30.88
N LEU B 179 -11.61 -10.28 -30.81
CA LEU B 179 -11.30 -8.87 -30.64
C LEU B 179 -11.98 -8.26 -29.42
N GLU B 180 -12.79 -9.04 -28.71
CA GLU B 180 -13.87 -8.54 -27.87
C GLU B 180 -13.76 -8.90 -26.39
N LYS B 181 -12.54 -8.96 -25.83
CA LYS B 181 -12.36 -9.10 -24.38
C LYS B 181 -12.81 -10.48 -23.88
N MET B 182 -12.30 -10.91 -22.73
CA MET B 182 -12.77 -12.09 -22.03
C MET B 182 -13.13 -11.70 -20.60
N SER B 183 -13.99 -12.51 -19.99
CA SER B 183 -14.42 -12.27 -18.61
C SER B 183 -13.27 -12.54 -17.64
N GLU B 184 -13.54 -12.44 -16.35
CA GLU B 184 -12.54 -12.82 -15.36
C GLU B 184 -13.24 -13.46 -14.16
N ASP B 185 -14.16 -14.39 -14.44
CA ASP B 185 -14.96 -15.00 -13.39
C ASP B 185 -15.30 -16.44 -13.74
N CYS B 186 -15.44 -17.27 -12.70
CA CYS B 186 -15.72 -18.70 -12.84
C CYS B 186 -17.22 -19.02 -12.70
O1 2PE C . -17.35 -2.56 9.52
C2 2PE C . -16.27 -3.14 10.19
C3 2PE C . -14.94 -2.69 9.57
O4 2PE C . -13.89 -3.13 10.39
C5 2PE C . -13.45 -2.18 11.32
C6 2PE C . -11.97 -1.89 11.09
O7 2PE C . -11.20 -2.53 12.08
C8 2PE C . -10.13 -1.74 12.56
C9 2PE C . -9.21 -2.50 13.54
O10 2PE C . -8.03 -1.76 13.81
C11 2PE C . -7.64 -1.73 15.16
C12 2PE C . -6.30 -1.02 15.41
O13 2PE C . -6.30 -0.42 16.69
C14 2PE C . -5.05 -0.07 17.24
C15 2PE C . -4.49 1.14 16.50
O16 2PE C . -3.72 0.75 15.40
C17 2PE C . -3.10 1.81 14.72
C18 2PE C . -3.85 2.23 13.44
O19 2PE C . -4.01 3.62 13.33
C20 2PE C . -5.11 4.15 14.03
C21 2PE C . -6.31 4.49 13.14
O22 2PE C . -6.72 5.84 13.29
C23 2PE C . -7.80 6.10 14.17
C24 2PE C . -8.99 6.82 13.50
O25 2PE C . -8.57 8.09 13.05
C26 2PE C . -9.45 8.77 12.18
C27 2PE C . -10.05 7.82 11.14
O28 2PE C . -10.68 8.56 10.14
O1 2PE D . -11.10 6.32 -14.77
C2 2PE D . -10.08 6.52 -15.71
C3 2PE D . -8.84 7.11 -15.05
O4 2PE D . -7.79 7.11 -15.97
C5 2PE D . -6.87 6.06 -15.82
C6 2PE D . -5.47 6.61 -15.57
O7 2PE D . -4.54 5.58 -15.38
C8 2PE D . -3.32 5.73 -16.05
C9 2PE D . -2.49 4.47 -15.85
O10 2PE D . -1.36 4.47 -16.68
C11 2PE D . -0.67 3.25 -16.66
C12 2PE D . 0.46 3.19 -17.68
O13 2PE D . 1.50 2.34 -17.23
C14 2PE D . 2.10 1.57 -18.24
C15 2PE D . 3.43 0.98 -17.73
O16 2PE D . 3.23 -0.30 -17.18
C17 2PE D . 3.20 -0.35 -15.78
C18 2PE D . 2.86 -1.78 -15.30
O19 2PE D . 2.14 -1.80 -14.09
C20 2PE D . 1.52 -3.03 -13.78
C21 2PE D . 0.02 -3.03 -14.11
O22 2PE D . -0.27 -3.71 -15.33
C23 2PE D . -1.62 -3.78 -15.79
C24 2PE D . -2.13 -5.23 -15.99
O25 2PE D . -3.44 -5.35 -16.52
C26 2PE D . -4.30 -6.16 -15.76
C27 2PE D . -5.71 -5.56 -15.68
O28 2PE D . -6.48 -6.17 -14.67
#